data_5G6T
#
_entry.id   5G6T
#
_cell.length_a   64.095
_cell.length_b   76.122
_cell.length_c   76.005
_cell.angle_alpha   90.00
_cell.angle_beta   107.39
_cell.angle_gamma   90.00
#
_symmetry.space_group_name_H-M   'P 1 21 1'
#
loop_
_entity.id
_entity.type
_entity.pdbx_description
1 polymer BETA-HEXOSAMINIDASE
2 non-polymer 'ZINC ION'
3 non-polymer DI(HYDROXYETHYL)ETHER
4 water water
#
_entity_poly.entity_id   1
_entity_poly.type   'polypeptide(L)'
_entity_poly.pdbx_seq_one_letter_code
;MGSSHHHHHHSSGLVPRGSHMQGSLMLDIGGTWLTAEDRQILRHPEVGGLIIFARNIEHPAQVRELCAAIRAIRPDLLLA
VDQEGGRVQRLRQGFVRLPAMRAIADNPNAEELAEHCGWLMATEVQAVGLDLSFAPVLDLDHQRSAVVGSRAFEGDPERA
ALLAGAFIRGMHAAGMAATGKHFPGHGWAEADSAVAIPEDARSLEEIRRSDLVPFARLAGQLDALMPAHVIYPQVDPQPA
GFSRRWLQEILRGELKFDGVIFSDDLSMAGAHVVGDAASRIEAALAAGCDMGLVCNDRASAELALAALQRLKVTPPSRLQ
RMRGKGYANTDYRQQPRWLEALSALRAAQLID
;
_entity_poly.pdbx_strand_id   A,B
#
loop_
_chem_comp.id
_chem_comp.type
_chem_comp.name
_chem_comp.formula
PEG non-polymer DI(HYDROXYETHYL)ETHER 'C4 H10 O3'
ZN non-polymer 'ZINC ION' 'Zn 2'
#
# COMPACT_ATOMS: atom_id res chain seq x y z
N HIS A 20 15.87 -8.73 -39.28
CA HIS A 20 16.31 -7.46 -39.82
C HIS A 20 15.89 -6.29 -38.93
N MET A 21 14.63 -6.28 -38.50
CA MET A 21 14.08 -5.18 -37.72
C MET A 21 14.66 -5.16 -36.30
N GLN A 22 14.31 -4.13 -35.54
CA GLN A 22 14.91 -3.84 -34.24
C GLN A 22 13.88 -3.96 -33.11
N GLY A 23 14.30 -4.56 -32.01
CA GLY A 23 13.42 -4.72 -30.86
C GLY A 23 14.10 -5.51 -29.77
N SER A 24 13.49 -5.47 -28.59
CA SER A 24 14.01 -6.21 -27.47
C SER A 24 12.87 -6.53 -26.51
N LEU A 25 13.14 -7.46 -25.60
CA LEU A 25 12.19 -7.90 -24.59
C LEU A 25 12.69 -7.58 -23.19
N MET A 26 11.80 -7.11 -22.33
CA MET A 26 12.11 -6.97 -20.92
C MET A 26 11.19 -7.89 -20.15
N LEU A 27 11.78 -8.72 -19.28
CA LEU A 27 10.96 -9.68 -18.56
C LEU A 27 11.24 -9.58 -17.06
N ASP A 28 10.75 -10.56 -16.27
CA ASP A 28 10.99 -10.58 -14.83
C ASP A 28 11.19 -12.02 -14.38
N ILE A 29 11.48 -12.20 -13.08
CA ILE A 29 11.59 -13.52 -12.47
C ILE A 29 10.62 -13.61 -11.30
N GLY A 30 10.43 -14.82 -10.80
CA GLY A 30 9.45 -15.06 -9.75
C GLY A 30 9.94 -14.82 -8.34
N GLY A 31 11.25 -14.89 -8.08
CA GLY A 31 11.68 -14.89 -6.68
C GLY A 31 12.82 -13.97 -6.34
N THR A 32 13.45 -14.22 -5.19
CA THR A 32 14.55 -13.39 -4.72
C THR A 32 15.90 -13.83 -5.27
N TRP A 33 15.95 -14.99 -5.93
CA TRP A 33 17.17 -15.54 -6.50
C TRP A 33 16.85 -16.20 -7.83
N LEU A 34 17.89 -16.48 -8.63
CA LEU A 34 17.73 -16.99 -9.99
C LEU A 34 17.50 -18.50 -10.02
N THR A 35 16.58 -18.94 -10.88
CA THR A 35 16.38 -20.36 -11.17
CA THR A 35 16.40 -20.36 -11.15
C THR A 35 17.22 -20.77 -12.37
N ALA A 36 17.39 -22.07 -12.55
CA ALA A 36 18.06 -22.52 -13.76
C ALA A 36 17.34 -22.00 -15.01
N GLU A 37 16.01 -21.97 -14.97
CA GLU A 37 15.23 -21.43 -16.10
C GLU A 37 15.54 -19.96 -16.35
N ASP A 38 15.62 -19.17 -15.27
CA ASP A 38 15.97 -17.77 -15.41
C ASP A 38 17.33 -17.63 -16.09
N ARG A 39 18.33 -18.39 -15.60
CA ARG A 39 19.67 -18.30 -16.15
C ARG A 39 19.67 -18.60 -17.65
N GLN A 40 18.85 -19.57 -18.08
CA GLN A 40 18.82 -19.95 -19.48
C GLN A 40 18.15 -18.88 -20.33
N ILE A 41 17.00 -18.36 -19.88
CA ILE A 41 16.28 -17.41 -20.70
C ILE A 41 17.03 -16.08 -20.78
N LEU A 42 17.80 -15.75 -19.74
CA LEU A 42 18.60 -14.52 -19.75
C LEU A 42 19.68 -14.53 -20.83
N ARG A 43 20.10 -15.70 -21.30
CA ARG A 43 21.16 -15.75 -22.29
C ARG A 43 20.73 -15.37 -23.70
N HIS A 44 19.46 -15.25 -23.97
CA HIS A 44 19.09 -14.96 -25.34
C HIS A 44 19.27 -13.47 -25.62
N PRO A 45 19.98 -13.11 -26.70
CA PRO A 45 20.29 -11.69 -26.93
C PRO A 45 19.05 -10.84 -27.19
N GLU A 46 17.93 -11.45 -27.59
CA GLU A 46 16.69 -10.69 -27.75
C GLU A 46 16.13 -10.23 -26.41
N VAL A 47 16.54 -10.88 -25.32
CA VAL A 47 16.22 -10.38 -23.98
C VAL A 47 17.19 -9.25 -23.65
N GLY A 48 16.66 -8.06 -23.42
CA GLY A 48 17.51 -6.91 -23.20
C GLY A 48 17.29 -6.26 -21.86
N GLY A 49 16.23 -6.68 -21.17
CA GLY A 49 15.86 -6.05 -19.92
C GLY A 49 15.33 -7.03 -18.89
N LEU A 50 15.50 -6.66 -17.63
CA LEU A 50 14.84 -7.37 -16.55
C LEU A 50 14.32 -6.33 -15.56
N ILE A 51 13.08 -6.48 -15.13
CA ILE A 51 12.52 -5.59 -14.12
C ILE A 51 12.24 -6.40 -12.86
N ILE A 52 12.50 -5.79 -11.69
CA ILE A 52 12.22 -6.42 -10.41
C ILE A 52 11.14 -5.63 -9.68
N PHE A 53 10.39 -6.36 -8.86
CA PHE A 53 9.29 -5.84 -8.08
C PHE A 53 9.51 -6.19 -6.63
N ALA A 54 8.53 -5.82 -5.80
CA ALA A 54 8.59 -6.10 -4.37
C ALA A 54 8.90 -7.57 -4.09
N ARG A 55 8.19 -8.49 -4.75
CA ARG A 55 8.35 -9.93 -4.52
C ARG A 55 9.77 -10.43 -4.79
N ASN A 56 10.61 -9.64 -5.47
CA ASN A 56 12.00 -10.01 -5.74
C ASN A 56 12.98 -9.33 -4.80
N ILE A 57 12.52 -8.50 -3.88
CA ILE A 57 13.41 -7.65 -3.07
C ILE A 57 13.28 -8.06 -1.62
N GLU A 58 14.39 -8.48 -1.03
CA GLU A 58 14.47 -8.76 0.39
C GLU A 58 15.11 -7.59 1.15
N HIS A 59 16.27 -7.14 0.69
CA HIS A 59 16.87 -5.90 1.19
C HIS A 59 17.92 -5.47 0.17
N PRO A 60 18.43 -4.23 0.27
CA PRO A 60 19.41 -3.76 -0.72
C PRO A 60 20.60 -4.69 -0.94
N ALA A 61 21.14 -5.29 0.13
CA ALA A 61 22.28 -6.19 -0.03
C ALA A 61 21.91 -7.38 -0.93
N GLN A 62 20.73 -7.97 -0.73
CA GLN A 62 20.31 -9.08 -1.56
C GLN A 62 20.01 -8.62 -2.99
N VAL A 63 19.48 -7.40 -3.14
CA VAL A 63 19.28 -6.85 -4.48
C VAL A 63 20.61 -6.71 -5.21
N ARG A 64 21.62 -6.15 -4.54
CA ARG A 64 22.93 -5.98 -5.16
C ARG A 64 23.51 -7.32 -5.60
N GLU A 65 23.40 -8.33 -4.75
CA GLU A 65 23.93 -9.64 -5.10
C GLU A 65 23.15 -10.26 -6.25
N LEU A 66 21.84 -10.04 -6.27
CA LEU A 66 21.05 -10.55 -7.39
C LEU A 66 21.45 -9.87 -8.70
N CYS A 67 21.59 -8.53 -8.69
CA CYS A 67 22.05 -7.85 -9.90
C CYS A 67 23.43 -8.36 -10.33
N ALA A 68 24.35 -8.54 -9.39
CA ALA A 68 25.65 -9.10 -9.74
C ALA A 68 25.52 -10.46 -10.40
N ALA A 69 24.64 -11.32 -9.89
CA ALA A 69 24.50 -12.64 -10.50
C ALA A 69 23.99 -12.53 -11.93
N ILE A 70 23.07 -11.61 -12.17
CA ILE A 70 22.54 -11.44 -13.53
C ILE A 70 23.62 -10.88 -14.46
N ARG A 71 24.41 -9.93 -13.98
CA ARG A 71 25.43 -9.35 -14.84
C ARG A 71 26.55 -10.34 -15.14
N ALA A 72 26.75 -11.34 -14.28
CA ALA A 72 27.68 -12.41 -14.62
C ALA A 72 27.21 -13.18 -15.84
N ILE A 73 25.89 -13.25 -16.07
CA ILE A 73 25.36 -13.88 -17.28
C ILE A 73 25.35 -12.90 -18.44
N ARG A 74 24.93 -11.66 -18.19
CA ARG A 74 24.66 -10.69 -19.23
C ARG A 74 25.05 -9.32 -18.69
N PRO A 75 26.32 -8.93 -18.84
CA PRO A 75 26.72 -7.58 -18.38
C PRO A 75 25.93 -6.46 -19.05
N ASP A 76 25.34 -6.69 -20.22
CA ASP A 76 24.64 -5.68 -21.01
C ASP A 76 23.16 -5.56 -20.70
N LEU A 77 22.60 -6.38 -19.79
CA LEU A 77 21.18 -6.23 -19.46
C LEU A 77 20.92 -4.87 -18.83
N LEU A 78 19.76 -4.28 -19.18
CA LEU A 78 19.20 -3.16 -18.44
C LEU A 78 18.39 -3.71 -17.27
N LEU A 79 18.76 -3.31 -16.06
CA LEU A 79 18.07 -3.77 -14.86
C LEU A 79 17.26 -2.61 -14.28
N ALA A 80 15.97 -2.86 -14.10
CA ALA A 80 15.04 -1.85 -13.60
C ALA A 80 14.32 -2.36 -12.36
N VAL A 81 14.03 -1.43 -11.45
CA VAL A 81 13.17 -1.70 -10.30
C VAL A 81 11.92 -0.86 -10.45
N ASP A 82 10.75 -1.49 -10.31
CA ASP A 82 9.49 -0.76 -10.36
C ASP A 82 9.10 -0.37 -8.94
N GLN A 83 9.09 0.93 -8.67
CA GLN A 83 8.81 1.41 -7.33
C GLN A 83 7.31 1.49 -7.04
N GLU A 84 6.49 1.77 -8.06
CA GLU A 84 5.02 1.60 -8.04
C GLU A 84 4.40 2.08 -6.73
N GLY A 85 4.70 3.33 -6.39
CA GLY A 85 4.14 3.94 -5.19
C GLY A 85 4.49 3.21 -3.91
N GLY A 86 5.79 3.10 -3.61
CA GLY A 86 6.23 2.46 -2.39
C GLY A 86 6.13 0.94 -2.38
N ARG A 87 7.25 0.28 -2.07
CA ARG A 87 7.31 -1.16 -1.90
C ARG A 87 7.45 -1.47 -0.42
N VAL A 88 6.56 -2.33 0.08
CA VAL A 88 6.24 -2.35 1.50
C VAL A 88 7.40 -2.87 2.33
N GLN A 89 7.66 -2.17 3.45
CA GLN A 89 8.48 -2.66 4.56
C GLN A 89 9.93 -2.91 4.15
N ARG A 90 10.64 -1.80 3.96
CA ARG A 90 12.09 -1.82 3.86
C ARG A 90 12.67 -1.26 5.16
N LEU A 91 12.46 -2.05 6.22
CA LEU A 91 12.64 -1.64 7.61
C LEU A 91 14.06 -1.89 8.10
N ARG A 92 14.57 -3.09 7.86
CA ARG A 92 15.88 -3.49 8.35
C ARG A 92 16.90 -3.35 7.22
N GLN A 93 17.85 -2.41 7.39
CA GLN A 93 18.83 -2.10 6.37
C GLN A 93 18.16 -1.77 5.04
N GLY A 94 16.98 -1.17 5.10
CA GLY A 94 16.15 -1.01 3.92
C GLY A 94 16.61 0.11 3.01
N PHE A 95 15.75 0.43 2.05
CA PHE A 95 16.04 1.49 1.12
C PHE A 95 15.71 2.84 1.73
N VAL A 96 16.32 3.88 1.15
CA VAL A 96 16.17 5.22 1.70
C VAL A 96 14.73 5.68 1.57
N ARG A 97 14.21 6.33 2.61
CA ARG A 97 12.85 6.82 2.64
C ARG A 97 12.80 8.27 2.17
N LEU A 98 12.09 8.54 1.08
CA LEU A 98 12.11 9.88 0.52
C LEU A 98 10.74 10.54 0.61
N PRO A 99 10.69 11.87 0.80
CA PRO A 99 9.40 12.57 0.89
C PRO A 99 8.60 12.44 -0.40
N ALA A 100 7.28 12.53 -0.27
CA ALA A 100 6.43 12.54 -1.44
C ALA A 100 6.45 13.92 -2.12
N MET A 101 6.14 13.95 -3.42
CA MET A 101 6.32 15.18 -4.17
C MET A 101 5.39 16.29 -3.70
N ARG A 102 4.20 15.95 -3.20
CA ARG A 102 3.32 16.97 -2.67
C ARG A 102 3.96 17.67 -1.46
N ALA A 103 4.68 16.92 -0.63
CA ALA A 103 5.35 17.54 0.51
C ALA A 103 6.52 18.40 0.06
N ILE A 104 7.24 17.95 -0.97
CA ILE A 104 8.36 18.73 -1.51
C ILE A 104 7.87 20.04 -2.07
N ALA A 105 6.75 20.01 -2.81
CA ALA A 105 6.27 21.21 -3.49
C ALA A 105 6.04 22.37 -2.54
N ASP A 106 5.65 22.10 -1.30
CA ASP A 106 5.35 23.18 -0.35
C ASP A 106 6.60 23.60 0.44
N ASN A 107 7.66 23.92 -0.27
CA ASN A 107 8.87 24.47 0.32
C ASN A 107 9.32 25.64 -0.54
N PRO A 108 10.08 26.59 0.03
CA PRO A 108 10.58 27.69 -0.80
C PRO A 108 11.65 27.23 -1.78
N ASN A 109 12.37 26.17 -1.45
CA ASN A 109 13.39 25.62 -2.33
C ASN A 109 12.95 24.26 -2.82
N ALA A 110 11.71 24.15 -3.30
CA ALA A 110 11.19 22.86 -3.75
C ALA A 110 12.02 22.27 -4.90
N GLU A 111 12.55 23.11 -5.80
CA GLU A 111 13.31 22.61 -6.93
C GLU A 111 14.60 21.94 -6.47
N GLU A 112 15.31 22.57 -5.54
CA GLU A 112 16.49 21.92 -4.97
C GLU A 112 16.11 20.63 -4.26
N LEU A 113 15.04 20.65 -3.47
CA LEU A 113 14.68 19.45 -2.71
C LEU A 113 14.29 18.31 -3.65
N ALA A 114 13.62 18.63 -4.78
CA ALA A 114 13.26 17.59 -5.75
C ALA A 114 14.50 17.05 -6.45
N GLU A 115 15.49 17.93 -6.69
CA GLU A 115 16.77 17.49 -7.21
C GLU A 115 17.43 16.50 -6.26
N HIS A 116 17.50 16.86 -4.98
CA HIS A 116 18.10 15.97 -3.99
C HIS A 116 17.39 14.63 -3.95
N CYS A 117 16.05 14.63 -4.04
CA CYS A 117 15.32 13.36 -3.96
C CYS A 117 15.64 12.48 -5.14
N GLY A 118 15.71 13.05 -6.34
CA GLY A 118 16.03 12.24 -7.51
C GLY A 118 17.45 11.73 -7.49
N TRP A 119 18.39 12.54 -6.97
CA TRP A 119 19.77 12.10 -6.83
C TRP A 119 19.89 11.01 -5.78
N LEU A 120 19.18 11.16 -4.66
CA LEU A 120 19.22 10.14 -3.62
C LEU A 120 18.70 8.82 -4.13
N MET A 121 17.53 8.83 -4.76
CA MET A 121 16.94 7.59 -5.23
C MET A 121 17.82 6.94 -6.27
N ALA A 122 18.33 7.72 -7.22
CA ALA A 122 19.13 7.17 -8.31
C ALA A 122 20.48 6.67 -7.79
N THR A 123 21.03 7.34 -6.78
CA THR A 123 22.32 6.93 -6.28
C THR A 123 22.23 5.59 -5.56
N GLU A 124 21.17 5.37 -4.79
CA GLU A 124 21.05 4.10 -4.10
C GLU A 124 20.68 2.97 -5.06
N VAL A 125 19.79 3.24 -6.02
CA VAL A 125 19.36 2.20 -6.95
C VAL A 125 20.55 1.65 -7.71
N GLN A 126 21.42 2.51 -8.19
CA GLN A 126 22.60 2.07 -8.91
C GLN A 126 23.68 1.50 -7.98
N ALA A 127 23.71 1.92 -6.71
CA ALA A 127 24.60 1.29 -5.74
C ALA A 127 24.23 -0.18 -5.53
N VAL A 128 22.96 -0.55 -5.70
CA VAL A 128 22.63 -1.97 -5.59
C VAL A 128 22.61 -2.60 -6.98
N GLY A 129 23.33 -2.01 -7.93
CA GLY A 129 23.58 -2.63 -9.21
C GLY A 129 22.48 -2.52 -10.25
N LEU A 130 21.47 -1.67 -10.05
CA LEU A 130 20.42 -1.50 -11.04
C LEU A 130 20.75 -0.33 -11.97
N ASP A 131 20.17 -0.37 -13.17
CA ASP A 131 20.34 0.76 -14.07
C ASP A 131 19.31 1.84 -13.81
N LEU A 132 18.05 1.46 -13.62
CA LEU A 132 17.04 2.49 -13.60
C LEU A 132 15.90 2.09 -12.67
N SER A 133 15.19 3.12 -12.22
CA SER A 133 14.00 3.00 -11.40
C SER A 133 12.83 3.59 -12.16
N PHE A 134 11.67 2.96 -12.07
CA PHE A 134 10.42 3.53 -12.58
C PHE A 134 9.79 4.29 -11.42
N ALA A 135 9.98 5.66 -11.38
CA ALA A 135 9.63 6.38 -10.17
C ALA A 135 8.21 6.92 -10.25
N PRO A 136 7.45 6.83 -9.15
CA PRO A 136 6.07 7.33 -9.16
C PRO A 136 5.94 8.81 -9.48
N VAL A 137 6.92 9.65 -9.11
CA VAL A 137 6.79 11.07 -9.44
C VAL A 137 6.85 11.31 -10.95
N LEU A 138 7.40 10.39 -11.74
CA LEU A 138 7.39 10.51 -13.19
C LEU A 138 6.21 9.80 -13.84
N ASP A 139 5.19 9.43 -13.06
CA ASP A 139 3.92 9.04 -13.66
C ASP A 139 3.09 10.32 -13.77
N LEU A 140 3.23 10.99 -14.92
CA LEU A 140 2.82 12.37 -15.08
C LEU A 140 1.31 12.55 -15.17
N ASP A 141 0.55 11.50 -15.48
CA ASP A 141 -0.89 11.60 -15.64
C ASP A 141 -1.68 10.94 -14.50
N HIS A 142 -0.99 10.37 -13.51
CA HIS A 142 -1.62 9.85 -12.31
C HIS A 142 -1.11 10.55 -11.05
N GLN A 143 -0.69 11.79 -11.20
CA GLN A 143 -0.12 12.57 -10.10
C GLN A 143 -1.23 13.20 -9.24
N ASP A 156 -1.41 23.39 -9.82
CA ASP A 156 -0.77 23.96 -11.00
C ASP A 156 0.06 22.90 -11.73
N PRO A 157 -0.34 22.55 -12.95
CA PRO A 157 0.40 21.55 -13.72
C PRO A 157 1.74 22.04 -14.25
N GLU A 158 1.87 23.32 -14.56
CA GLU A 158 3.18 23.83 -14.96
C GLU A 158 4.19 23.71 -13.83
N ARG A 159 3.74 23.87 -12.59
CA ARG A 159 4.65 23.67 -11.46
C ARG A 159 4.95 22.19 -11.26
N ALA A 160 3.96 21.33 -11.48
CA ALA A 160 4.21 19.89 -11.44
C ALA A 160 5.26 19.49 -12.47
N ALA A 161 5.17 20.03 -13.70
CA ALA A 161 6.23 19.78 -14.68
C ALA A 161 7.58 20.30 -14.18
N LEU A 162 7.57 21.48 -13.54
CA LEU A 162 8.82 22.06 -13.07
C LEU A 162 9.50 21.19 -12.03
N LEU A 163 8.71 20.69 -11.07
CA LEU A 163 9.28 19.86 -10.01
C LEU A 163 9.69 18.49 -10.53
N ALA A 164 8.94 17.92 -11.49
CA ALA A 164 9.40 16.68 -12.10
C ALA A 164 10.67 16.90 -12.92
N GLY A 165 10.78 18.04 -13.60
CA GLY A 165 12.02 18.33 -14.30
C GLY A 165 13.20 18.39 -13.34
N ALA A 166 13.02 19.03 -12.18
CA ALA A 166 14.06 19.09 -11.16
C ALA A 166 14.41 17.70 -10.63
N PHE A 167 13.40 16.87 -10.35
CA PHE A 167 13.67 15.49 -9.97
C PHE A 167 14.54 14.82 -11.02
N ILE A 168 14.26 15.11 -12.29
CA ILE A 168 15.01 14.48 -13.38
C ILE A 168 16.45 14.97 -13.38
N ARG A 169 16.68 16.25 -13.07
CA ARG A 169 18.06 16.72 -13.02
C ARG A 169 18.84 15.96 -11.95
N GLY A 170 18.23 15.71 -10.80
CA GLY A 170 18.90 14.95 -9.76
C GLY A 170 19.25 13.54 -10.21
N MET A 171 18.28 12.85 -10.81
CA MET A 171 18.53 11.53 -11.37
C MET A 171 19.70 11.55 -12.35
N HIS A 172 19.66 12.47 -13.32
CA HIS A 172 20.75 12.57 -14.31
C HIS A 172 22.08 12.88 -13.63
N ALA A 173 22.07 13.76 -12.63
CA ALA A 173 23.31 14.07 -11.92
C ALA A 173 23.93 12.83 -11.27
N ALA A 174 23.08 11.89 -10.85
CA ALA A 174 23.56 10.61 -10.34
C ALA A 174 23.88 9.62 -11.46
N GLY A 175 23.67 10.01 -12.71
CA GLY A 175 23.94 9.13 -13.82
C GLY A 175 22.85 8.14 -14.17
N MET A 176 21.59 8.43 -13.87
CA MET A 176 20.53 7.50 -14.24
C MET A 176 19.62 8.12 -15.31
N ALA A 177 19.24 7.31 -16.28
CA ALA A 177 18.22 7.64 -17.25
C ALA A 177 16.82 7.68 -16.59
N ALA A 178 15.95 8.56 -17.10
CA ALA A 178 14.65 8.82 -16.51
C ALA A 178 13.52 8.37 -17.43
N THR A 179 12.57 7.63 -16.87
CA THR A 179 11.42 7.09 -17.60
C THR A 179 10.14 7.76 -17.10
N GLY A 180 9.33 8.27 -18.03
CA GLY A 180 7.99 8.74 -17.72
C GLY A 180 6.91 7.81 -18.29
N LYS A 181 5.68 8.01 -17.80
CA LYS A 181 4.46 7.35 -18.24
C LYS A 181 3.30 8.25 -17.80
N HIS A 182 2.06 8.03 -18.24
CA HIS A 182 1.65 7.16 -19.36
C HIS A 182 1.22 8.03 -20.55
N PHE A 183 2.02 8.04 -21.61
CA PHE A 183 1.74 8.84 -22.79
C PHE A 183 0.55 8.28 -23.56
N PRO A 184 -0.37 9.14 -24.01
CA PRO A 184 -0.40 10.60 -23.85
C PRO A 184 -1.13 11.09 -22.61
N GLY A 185 -1.63 10.18 -21.76
CA GLY A 185 -2.29 10.61 -20.51
C GLY A 185 -3.76 10.22 -20.42
N HIS A 186 -4.13 9.64 -19.27
CA HIS A 186 -5.51 9.26 -18.95
C HIS A 186 -5.58 8.77 -17.50
N GLY A 187 -5.94 9.64 -16.56
CA GLY A 187 -5.75 9.30 -15.16
C GLY A 187 -6.98 9.06 -14.29
N TRP A 188 -8.08 8.55 -14.86
CA TRP A 188 -9.32 8.39 -14.10
C TRP A 188 -9.64 6.91 -13.98
N ALA A 189 -10.50 6.35 -14.81
CA ALA A 189 -10.97 4.99 -14.64
C ALA A 189 -11.32 4.39 -16.00
N GLU A 190 -11.90 3.20 -15.97
CA GLU A 190 -12.33 2.49 -17.17
C GLU A 190 -13.74 2.91 -17.58
N VAL A 195 -14.92 -5.37 -17.88
CA VAL A 195 -13.59 -4.84 -17.68
C VAL A 195 -12.76 -4.96 -18.96
N ALA A 196 -12.91 -3.98 -19.85
CA ALA A 196 -12.21 -3.95 -21.13
C ALA A 196 -11.09 -2.92 -21.06
N ILE A 197 -10.56 -2.54 -22.23
CA ILE A 197 -9.51 -1.51 -22.32
C ILE A 197 -10.17 -0.15 -22.40
N PRO A 198 -9.76 0.80 -21.55
CA PRO A 198 -10.44 2.11 -21.54
C PRO A 198 -10.41 2.79 -22.91
N GLU A 199 -11.47 3.55 -23.19
CA GLU A 199 -11.49 4.42 -24.34
C GLU A 199 -11.77 5.84 -23.89
N ASP A 200 -11.07 6.77 -24.51
CA ASP A 200 -11.09 8.18 -24.15
C ASP A 200 -11.51 8.95 -25.41
N ALA A 201 -12.68 9.57 -25.36
CA ALA A 201 -13.34 10.10 -26.55
C ALA A 201 -12.96 11.54 -26.88
N ARG A 202 -12.00 12.12 -26.18
CA ARG A 202 -11.64 13.51 -26.42
C ARG A 202 -11.01 13.72 -27.78
N SER A 203 -11.16 14.93 -28.31
CA SER A 203 -10.41 15.34 -29.50
C SER A 203 -8.91 15.39 -29.21
N LEU A 204 -8.11 15.45 -30.27
CA LEU A 204 -6.68 15.63 -30.09
C LEU A 204 -6.35 17.02 -29.57
N GLU A 205 -7.11 18.02 -30.02
CA GLU A 205 -6.88 19.37 -29.52
C GLU A 205 -7.26 19.50 -28.06
N GLU A 206 -8.24 18.71 -27.59
CA GLU A 206 -8.52 18.70 -26.16
C GLU A 206 -7.43 17.97 -25.38
N ILE A 207 -6.96 16.84 -25.91
CA ILE A 207 -5.80 16.16 -25.31
C ILE A 207 -4.59 17.09 -25.30
N ARG A 208 -4.39 17.81 -26.41
CA ARG A 208 -3.25 18.72 -26.54
C ARG A 208 -3.24 19.78 -25.43
N ARG A 209 -4.40 20.33 -25.07
CA ARG A 209 -4.47 21.36 -24.05
C ARG A 209 -4.57 20.81 -22.63
N SER A 210 -4.40 19.50 -22.45
CA SER A 210 -4.53 18.95 -21.10
C SER A 210 -3.48 17.88 -20.81
N ASP A 211 -3.83 16.60 -21.01
CA ASP A 211 -2.94 15.52 -20.61
C ASP A 211 -1.60 15.58 -21.34
N LEU A 212 -1.58 16.15 -22.54
CA LEU A 212 -0.37 16.15 -23.34
C LEU A 212 0.68 17.12 -22.79
N VAL A 213 0.28 18.10 -22.00
CA VAL A 213 1.16 19.22 -21.65
C VAL A 213 2.36 18.78 -20.81
N PRO A 214 2.20 17.94 -19.77
CA PRO A 214 3.39 17.45 -19.07
C PRO A 214 4.39 16.79 -20.00
N PHE A 215 3.92 15.94 -20.91
CA PHE A 215 4.82 15.23 -21.81
C PHE A 215 5.50 16.19 -22.77
N ALA A 216 4.74 17.10 -23.38
CA ALA A 216 5.33 18.06 -24.29
C ALA A 216 6.44 18.85 -23.62
N ARG A 217 6.32 19.03 -22.32
CA ARG A 217 7.27 19.85 -21.60
C ARG A 217 8.51 19.08 -21.17
N LEU A 218 8.38 17.81 -20.85
CA LEU A 218 9.53 17.00 -20.43
C LEU A 218 10.08 16.12 -21.55
N ALA A 219 9.57 16.24 -22.78
CA ALA A 219 9.97 15.32 -23.85
C ALA A 219 11.45 15.44 -24.16
N GLY A 220 11.98 16.67 -24.18
CA GLY A 220 13.39 16.88 -24.41
C GLY A 220 14.29 16.57 -23.24
N GLN A 221 13.72 16.13 -22.12
CA GLN A 221 14.49 15.81 -20.93
C GLN A 221 14.37 14.34 -20.51
N LEU A 222 13.25 13.70 -20.80
CA LEU A 222 13.08 12.30 -20.48
C LEU A 222 13.87 11.44 -21.45
N ASP A 223 14.42 10.35 -20.93
CA ASP A 223 15.14 9.37 -21.76
C ASP A 223 14.25 8.28 -22.29
N ALA A 224 13.09 8.06 -21.66
CA ALA A 224 12.21 7.00 -22.10
C ALA A 224 10.79 7.32 -21.68
N LEU A 225 9.85 6.73 -22.41
CA LEU A 225 8.43 6.86 -22.11
C LEU A 225 7.74 5.52 -22.26
N MET A 226 6.73 5.29 -21.42
CA MET A 226 5.78 4.20 -21.50
C MET A 226 4.40 4.73 -21.91
N PRO A 227 3.68 4.04 -22.79
CA PRO A 227 2.40 4.55 -23.28
C PRO A 227 1.23 4.17 -22.38
N ALA A 228 0.11 4.86 -22.59
CA ALA A 228 -1.13 4.53 -21.91
C ALA A 228 -1.82 3.34 -22.56
N HIS A 229 -2.43 2.50 -21.73
CA HIS A 229 -3.27 1.41 -22.24
C HIS A 229 -4.68 1.95 -22.45
N VAL A 230 -4.82 2.78 -23.47
CA VAL A 230 -6.03 3.54 -23.71
C VAL A 230 -6.17 3.74 -25.21
N ILE A 231 -7.39 3.63 -25.71
CA ILE A 231 -7.71 3.94 -27.09
C ILE A 231 -8.33 5.33 -27.12
N TYR A 232 -7.91 6.14 -28.09
CA TYR A 232 -8.43 7.49 -28.28
C TYR A 232 -9.04 7.50 -29.68
N PRO A 233 -10.29 7.05 -29.83
CA PRO A 233 -10.84 6.81 -31.17
C PRO A 233 -10.92 8.05 -32.03
N GLN A 234 -11.00 9.23 -31.43
CA GLN A 234 -10.95 10.47 -32.19
C GLN A 234 -9.61 10.66 -32.88
N VAL A 235 -8.57 9.95 -32.43
CA VAL A 235 -7.23 10.11 -32.96
C VAL A 235 -6.76 8.89 -33.74
N ASP A 236 -7.07 7.71 -33.24
CA ASP A 236 -6.59 6.47 -33.81
C ASP A 236 -7.35 5.31 -33.18
N PRO A 237 -7.61 4.24 -33.92
CA PRO A 237 -8.37 3.10 -33.35
C PRO A 237 -7.53 2.15 -32.52
N GLN A 238 -6.20 2.34 -32.43
CA GLN A 238 -5.41 1.41 -31.64
C GLN A 238 -4.97 2.04 -30.33
N PRO A 239 -4.72 1.25 -29.28
CA PRO A 239 -4.16 1.83 -28.05
C PRO A 239 -2.86 2.52 -28.38
N ALA A 240 -2.54 3.55 -27.58
CA ALA A 240 -1.38 4.38 -27.87
C ALA A 240 -0.13 3.54 -28.09
N GLY A 241 0.04 2.48 -27.31
CA GLY A 241 1.23 1.66 -27.41
C GLY A 241 1.33 0.80 -28.67
N PHE A 242 0.29 0.72 -29.49
CA PHE A 242 0.35 0.04 -30.78
C PHE A 242 -0.01 0.97 -31.93
N SER A 243 -0.02 2.27 -31.69
CA SER A 243 -0.48 3.24 -32.68
C SER A 243 0.74 3.91 -33.31
N ARG A 244 0.94 3.68 -34.60
CA ARG A 244 1.97 4.44 -35.29
C ARG A 244 1.72 5.93 -35.20
N ARG A 245 0.45 6.32 -35.13
CA ARG A 245 0.13 7.74 -35.12
C ARG A 245 0.45 8.39 -33.77
N TRP A 246 0.17 7.70 -32.66
CA TRP A 246 0.57 8.23 -31.36
C TRP A 246 2.09 8.24 -31.23
N LEU A 247 2.75 7.13 -31.62
CA LEU A 247 4.17 6.99 -31.32
C LEU A 247 5.04 7.76 -32.32
N GLN A 248 4.74 7.62 -33.61
CA GLN A 248 5.62 8.17 -34.63
C GLN A 248 5.29 9.61 -35.00
N GLU A 249 4.01 9.91 -35.19
CA GLU A 249 3.62 11.23 -35.65
C GLU A 249 3.50 12.23 -34.51
N ILE A 250 2.83 11.87 -33.41
CA ILE A 250 2.71 12.82 -32.31
C ILE A 250 3.98 12.83 -31.44
N LEU A 251 4.41 11.65 -30.98
CA LEU A 251 5.49 11.60 -29.98
C LEU A 251 6.86 11.87 -30.60
N ARG A 252 7.25 11.08 -31.60
CA ARG A 252 8.55 11.33 -32.24
C ARG A 252 8.51 12.59 -33.10
N GLY A 253 7.40 12.83 -33.79
CA GLY A 253 7.32 13.94 -34.72
C GLY A 253 7.02 15.25 -34.00
N GLU A 254 5.79 15.38 -33.53
CA GLU A 254 5.34 16.65 -32.93
C GLU A 254 6.12 17.01 -31.67
N LEU A 255 6.28 16.04 -30.75
CA LEU A 255 7.03 16.26 -29.51
C LEU A 255 8.55 16.09 -29.67
N LYS A 256 9.02 15.64 -30.83
CA LYS A 256 10.44 15.52 -31.15
C LYS A 256 11.17 14.57 -30.19
N PHE A 257 10.47 13.57 -29.66
CA PHE A 257 11.05 12.68 -28.66
C PHE A 257 11.89 11.61 -29.33
N ASP A 258 13.14 11.47 -28.90
CA ASP A 258 14.10 10.56 -29.50
C ASP A 258 14.58 9.51 -28.52
N GLY A 259 14.01 9.47 -27.33
CA GLY A 259 14.37 8.44 -26.37
C GLY A 259 13.66 7.12 -26.64
N VAL A 260 13.73 6.25 -25.64
CA VAL A 260 13.26 4.88 -25.76
C VAL A 260 11.77 4.81 -25.50
N ILE A 261 11.07 4.05 -26.31
CA ILE A 261 9.66 3.80 -26.07
C ILE A 261 9.54 2.38 -25.55
N PHE A 262 9.15 2.25 -24.28
CA PHE A 262 8.71 0.97 -23.73
C PHE A 262 7.27 0.72 -24.12
N SER A 263 6.92 -0.54 -24.38
CA SER A 263 5.52 -0.89 -24.55
C SER A 263 4.79 -0.89 -23.20
N ASP A 264 3.47 -0.93 -23.23
CA ASP A 264 2.78 -1.22 -21.98
C ASP A 264 2.91 -2.72 -21.71
N ASP A 265 2.25 -3.22 -20.67
CA ASP A 265 2.42 -4.63 -20.28
C ASP A 265 1.74 -5.53 -21.28
N LEU A 266 2.52 -6.28 -22.05
CA LEU A 266 2.02 -7.10 -23.14
C LEU A 266 1.52 -8.46 -22.68
N SER A 267 1.68 -8.79 -21.40
CA SER A 267 1.15 -10.05 -20.90
C SER A 267 -0.22 -9.86 -20.27
N MET A 268 -0.35 -8.91 -19.35
CA MET A 268 -1.58 -8.71 -18.57
C MET A 268 -2.05 -10.03 -17.95
N ALA A 269 -1.14 -10.68 -17.24
CA ALA A 269 -1.42 -11.98 -16.63
C ALA A 269 -2.52 -11.86 -15.60
N GLY A 270 -3.58 -12.67 -15.77
CA GLY A 270 -4.74 -12.66 -14.92
C GLY A 270 -5.93 -11.92 -15.50
N ALA A 271 -5.70 -10.95 -16.39
CA ALA A 271 -6.78 -10.14 -16.94
C ALA A 271 -7.69 -10.92 -17.90
N HIS A 272 -7.31 -12.13 -18.29
CA HIS A 272 -8.10 -13.02 -19.14
C HIS A 272 -8.25 -12.49 -20.57
N VAL A 273 -7.35 -11.60 -21.03
CA VAL A 273 -7.43 -11.14 -22.41
C VAL A 273 -7.25 -12.33 -23.36
N VAL A 274 -7.69 -12.14 -24.60
CA VAL A 274 -7.36 -13.05 -25.67
C VAL A 274 -6.28 -12.40 -26.53
N GLY A 275 -5.68 -13.19 -27.39
CA GLY A 275 -4.39 -12.85 -27.95
C GLY A 275 -3.28 -13.24 -26.99
N ASP A 276 -2.04 -13.05 -27.44
CA ASP A 276 -0.88 -13.58 -26.76
C ASP A 276 0.23 -12.53 -26.78
N ALA A 277 1.17 -12.69 -25.84
CA ALA A 277 2.29 -11.76 -25.77
C ALA A 277 3.07 -11.74 -27.08
N ALA A 278 3.02 -12.82 -27.86
CA ALA A 278 3.78 -12.89 -29.12
C ALA A 278 3.19 -11.96 -30.17
N SER A 279 1.87 -12.01 -30.37
CA SER A 279 1.24 -11.08 -31.30
C SER A 279 1.35 -9.64 -30.82
N ARG A 280 1.26 -9.41 -29.51
CA ARG A 280 1.29 -8.04 -29.03
C ARG A 280 2.68 -7.43 -29.17
N ILE A 281 3.75 -8.21 -28.98
CA ILE A 281 5.06 -7.60 -29.12
C ILE A 281 5.34 -7.32 -30.59
N GLU A 282 4.79 -8.13 -31.50
CA GLU A 282 4.85 -7.80 -32.92
C GLU A 282 4.12 -6.49 -33.19
N ALA A 283 2.88 -6.38 -32.68
CA ALA A 283 2.13 -5.12 -32.81
C ALA A 283 2.89 -3.94 -32.18
N ALA A 284 3.52 -4.14 -31.03
CA ALA A 284 4.20 -3.01 -30.38
C ALA A 284 5.41 -2.54 -31.19
N LEU A 285 6.28 -3.47 -31.62
CA LEU A 285 7.45 -3.06 -32.42
C LEU A 285 7.03 -2.43 -33.74
N ALA A 286 5.99 -2.99 -34.39
CA ALA A 286 5.49 -2.40 -35.62
C ALA A 286 5.19 -0.91 -35.44
N ALA A 287 4.60 -0.54 -34.31
CA ALA A 287 4.23 0.84 -34.09
C ALA A 287 5.42 1.70 -33.69
N GLY A 288 6.56 1.11 -33.34
CA GLY A 288 7.73 1.85 -32.96
C GLY A 288 8.16 1.73 -31.51
N CYS A 289 7.65 0.76 -30.77
CA CYS A 289 8.20 0.51 -29.46
C CYS A 289 9.61 -0.06 -29.60
N ASP A 290 10.52 0.39 -28.72
CA ASP A 290 11.87 -0.15 -28.70
C ASP A 290 11.94 -1.46 -27.93
N MET A 291 11.22 -1.56 -26.82
CA MET A 291 11.36 -2.69 -25.93
C MET A 291 9.98 -3.10 -25.41
N GLY A 292 9.68 -4.39 -25.50
CA GLY A 292 8.40 -4.92 -25.04
C GLY A 292 8.52 -5.44 -23.62
N LEU A 293 7.53 -5.12 -22.78
CA LEU A 293 7.51 -5.60 -21.41
C LEU A 293 6.53 -6.75 -21.31
N VAL A 294 6.98 -7.88 -20.76
CA VAL A 294 6.11 -9.01 -20.47
C VAL A 294 6.33 -9.37 -19.01
N CYS A 295 5.45 -8.87 -18.15
CA CYS A 295 5.60 -9.01 -16.70
C CYS A 295 4.70 -10.11 -16.16
N ASN A 296 5.17 -10.75 -15.09
CA ASN A 296 4.35 -11.64 -14.26
C ASN A 296 3.77 -12.84 -15.02
N ASP A 297 4.42 -13.25 -16.11
CA ASP A 297 3.90 -14.36 -16.93
C ASP A 297 5.07 -14.95 -17.72
N ARG A 298 5.81 -15.87 -17.08
CA ARG A 298 6.95 -16.47 -17.74
C ARG A 298 6.54 -17.18 -19.04
N ALA A 299 5.42 -17.90 -19.02
CA ALA A 299 4.94 -18.51 -20.25
C ALA A 299 4.84 -17.47 -21.36
N SER A 300 4.18 -16.34 -21.06
CA SER A 300 4.05 -15.26 -22.04
C SER A 300 5.40 -14.71 -22.47
N ALA A 301 6.33 -14.59 -21.53
CA ALA A 301 7.64 -14.04 -21.90
C ALA A 301 8.33 -14.95 -22.89
N GLU A 302 8.18 -16.26 -22.70
CA GLU A 302 8.79 -17.22 -23.62
C GLU A 302 8.14 -17.15 -25.01
N LEU A 303 6.83 -16.91 -25.08
CA LEU A 303 6.19 -16.75 -26.40
C LEU A 303 6.63 -15.46 -27.07
N ALA A 304 6.69 -14.36 -26.31
CA ALA A 304 7.22 -13.12 -26.87
C ALA A 304 8.66 -13.31 -27.35
N LEU A 305 9.46 -14.06 -26.60
CA LEU A 305 10.84 -14.27 -27.01
C LEU A 305 10.92 -15.07 -28.31
N ALA A 306 10.12 -16.14 -28.43
CA ALA A 306 10.14 -16.89 -29.67
C ALA A 306 9.73 -16.00 -30.83
N ALA A 307 8.80 -15.06 -30.60
CA ALA A 307 8.38 -14.13 -31.65
C ALA A 307 9.54 -13.27 -32.11
N LEU A 308 10.30 -12.70 -31.15
CA LEU A 308 11.48 -11.92 -31.52
C LEU A 308 12.52 -12.76 -32.24
N GLN A 309 12.67 -14.04 -31.88
CA GLN A 309 13.70 -14.87 -32.52
C GLN A 309 13.38 -15.10 -33.98
N ARG A 310 12.11 -15.36 -34.31
CA ARG A 310 11.71 -15.54 -35.71
C ARG A 310 11.98 -14.30 -36.52
N LEU A 311 11.78 -13.14 -35.92
CA LEU A 311 12.05 -11.85 -36.55
C LEU A 311 13.54 -11.58 -36.71
N LYS A 312 14.39 -12.32 -36.01
CA LYS A 312 15.82 -12.04 -35.93
C LYS A 312 16.05 -10.56 -35.61
N VAL A 313 15.35 -10.08 -34.59
CA VAL A 313 15.57 -8.70 -34.17
C VAL A 313 16.99 -8.54 -33.64
N THR A 314 17.54 -7.34 -33.80
CA THR A 314 18.75 -6.89 -33.14
C THR A 314 18.36 -5.74 -32.23
N PRO A 315 19.18 -5.41 -31.23
CA PRO A 315 18.78 -4.40 -30.24
C PRO A 315 18.66 -3.02 -30.85
N PRO A 316 17.68 -2.23 -30.45
CA PRO A 316 17.57 -0.87 -30.97
C PRO A 316 18.82 -0.07 -30.64
N SER A 317 19.28 0.73 -31.61
CA SER A 317 20.46 1.55 -31.39
C SER A 317 20.29 2.45 -30.17
N ARG A 318 19.05 2.87 -29.88
CA ARG A 318 18.72 3.73 -28.75
C ARG A 318 18.94 3.06 -27.40
N LEU A 319 18.95 1.73 -27.36
CA LEU A 319 18.61 1.03 -26.13
C LEU A 319 19.61 1.32 -25.01
N GLN A 320 20.90 1.34 -25.33
CA GLN A 320 21.89 1.52 -24.29
C GLN A 320 21.93 2.94 -23.72
N ARG A 321 21.08 3.86 -24.21
CA ARG A 321 20.93 5.16 -23.56
CA ARG A 321 20.95 5.15 -23.55
C ARG A 321 20.47 5.00 -22.12
N MET A 322 19.78 3.90 -21.81
CA MET A 322 19.22 3.60 -20.50
C MET A 322 20.24 3.03 -19.52
N ARG A 323 21.42 2.63 -19.99
CA ARG A 323 22.45 2.12 -19.10
CA ARG A 323 22.45 2.12 -19.10
C ARG A 323 22.87 3.17 -18.08
N GLY A 324 22.93 2.79 -16.81
CA GLY A 324 23.30 3.73 -15.77
C GLY A 324 24.79 4.01 -15.74
N LYS A 325 25.14 5.26 -15.49
CA LYS A 325 26.55 5.60 -15.41
C LYS A 325 27.13 5.30 -14.03
N GLY A 326 26.28 5.13 -13.02
CA GLY A 326 26.72 4.72 -11.71
C GLY A 326 27.22 3.28 -11.70
N TYR A 327 27.60 2.84 -10.50
CA TYR A 327 28.16 1.50 -10.31
C TYR A 327 27.79 0.99 -8.91
N ALA A 328 27.79 -0.34 -8.78
CA ALA A 328 27.44 -0.98 -7.53
C ALA A 328 28.54 -0.77 -6.49
N ASN A 329 28.13 -0.50 -5.26
CA ASN A 329 29.08 -0.21 -4.20
C ASN A 329 28.32 -0.26 -2.88
N THR A 330 29.08 -0.34 -1.77
CA THR A 330 28.47 -0.36 -0.44
C THR A 330 28.77 0.84 0.44
N ASP A 331 29.54 1.83 -0.02
CA ASP A 331 29.90 2.99 0.79
C ASP A 331 29.09 4.23 0.46
N TYR A 332 28.05 4.10 -0.38
CA TYR A 332 27.37 5.29 -0.88
C TYR A 332 26.73 6.10 0.24
N ARG A 333 26.27 5.45 1.31
CA ARG A 333 25.63 6.20 2.38
C ARG A 333 26.61 6.99 3.24
N GLN A 334 27.92 6.75 3.11
CA GLN A 334 28.91 7.52 3.86
C GLN A 334 29.58 8.61 3.03
N GLN A 335 29.16 8.80 1.81
CA GLN A 335 29.77 9.79 0.96
C GLN A 335 29.25 11.18 1.32
N PRO A 336 30.05 12.21 1.08
CA PRO A 336 29.62 13.57 1.44
C PRO A 336 28.35 14.02 0.73
N ARG A 337 28.26 13.83 -0.60
CA ARG A 337 27.09 14.29 -1.34
C ARG A 337 25.82 13.63 -0.81
N TRP A 338 25.92 12.39 -0.37
CA TRP A 338 24.75 11.71 0.19
C TRP A 338 24.32 12.37 1.49
N LEU A 339 25.29 12.66 2.38
CA LEU A 339 24.97 13.22 3.67
C LEU A 339 24.47 14.65 3.53
N GLU A 340 24.95 15.37 2.51
CA GLU A 340 24.50 16.74 2.26
C GLU A 340 23.09 16.76 1.71
N ALA A 341 22.76 15.81 0.84
CA ALA A 341 21.40 15.73 0.35
C ALA A 341 20.43 15.46 1.50
N LEU A 342 20.79 14.54 2.40
CA LEU A 342 19.91 14.29 3.53
C LEU A 342 19.78 15.51 4.43
N SER A 343 20.89 16.23 4.69
CA SER A 343 20.84 17.42 5.53
C SER A 343 19.88 18.46 4.98
N ALA A 344 19.82 18.59 3.66
CA ALA A 344 18.88 19.56 3.08
C ALA A 344 17.43 19.12 3.31
N LEU A 345 17.14 17.85 3.02
CA LEU A 345 15.80 17.31 3.29
C LEU A 345 15.42 17.52 4.76
N ARG A 346 16.38 17.29 5.65
CA ARG A 346 16.11 17.43 7.08
C ARG A 346 15.87 18.88 7.46
N ALA A 347 16.67 19.81 6.93
CA ALA A 347 16.45 21.21 7.26
C ALA A 347 15.10 21.69 6.79
N ALA A 348 14.62 21.14 5.67
CA ALA A 348 13.31 21.53 5.14
C ALA A 348 12.16 20.88 5.88
N GLN A 349 12.46 20.05 6.90
CA GLN A 349 11.49 19.39 7.78
C GLN A 349 10.90 18.13 7.13
N LEU A 350 11.59 17.50 6.18
CA LEU A 350 10.96 16.46 5.37
C LEU A 350 11.28 15.03 5.84
N ILE A 351 12.38 14.83 6.56
CA ILE A 351 12.78 13.53 7.05
C ILE A 351 13.26 13.69 8.48
N ASP A 352 13.42 12.54 9.16
CA ASP A 352 13.82 12.42 10.57
C ASP A 352 12.68 12.75 11.51
N HIS B 20 -35.80 -2.03 26.85
CA HIS B 20 -34.77 -1.03 27.10
C HIS B 20 -33.37 -1.53 26.68
N MET B 21 -33.02 -1.35 25.41
CA MET B 21 -31.82 -1.95 24.86
C MET B 21 -30.57 -1.16 25.26
N GLN B 22 -29.42 -1.84 25.26
CA GLN B 22 -28.11 -1.20 25.37
C GLN B 22 -27.39 -1.20 24.03
N GLY B 23 -26.57 -0.18 23.80
CA GLY B 23 -25.91 -0.05 22.53
C GLY B 23 -25.30 1.32 22.38
N SER B 24 -24.47 1.44 21.35
CA SER B 24 -23.67 2.63 21.14
C SER B 24 -23.22 2.70 19.68
N LEU B 25 -22.81 3.87 19.27
CA LEU B 25 -22.42 4.13 17.90
C LEU B 25 -20.97 4.61 17.85
N MET B 26 -20.20 4.02 16.96
CA MET B 26 -18.87 4.50 16.63
C MET B 26 -18.92 5.05 15.20
N LEU B 27 -18.47 6.29 15.03
CA LEU B 27 -18.54 6.90 13.72
C LEU B 27 -17.17 7.45 13.33
N ASP B 28 -17.09 8.24 12.27
CA ASP B 28 -15.81 8.81 11.85
C ASP B 28 -16.05 10.23 11.33
N ILE B 29 -14.96 10.93 11.00
CA ILE B 29 -15.02 12.28 10.46
C ILE B 29 -14.26 12.33 9.14
N GLY B 30 -14.49 13.43 8.41
CA GLY B 30 -13.91 13.56 7.08
C GLY B 30 -12.50 14.09 7.01
N GLY B 31 -12.03 14.83 8.03
CA GLY B 31 -10.77 15.55 7.86
C GLY B 31 -9.72 15.43 8.95
N THR B 32 -8.73 16.31 8.93
CA THR B 32 -7.69 16.29 9.95
C THR B 32 -8.06 17.10 11.19
N TRP B 33 -9.18 17.82 11.16
CA TRP B 33 -9.63 18.65 12.27
C TRP B 33 -11.16 18.61 12.27
N LEU B 34 -11.76 19.03 13.38
CA LEU B 34 -13.21 18.93 13.56
C LEU B 34 -13.95 20.07 12.87
N THR B 35 -15.10 19.75 12.27
CA THR B 35 -16.04 20.76 11.78
C THR B 35 -17.11 21.05 12.84
N ALA B 36 -17.87 22.13 12.61
CA ALA B 36 -18.97 22.46 13.50
C ALA B 36 -19.95 21.30 13.65
N GLU B 37 -20.22 20.57 12.56
CA GLU B 37 -21.18 19.47 12.67
C GLU B 37 -20.57 18.23 13.32
N ASP B 38 -19.26 18.01 13.17
CA ASP B 38 -18.58 16.98 13.95
C ASP B 38 -18.78 17.23 15.44
N ARG B 39 -18.55 18.47 15.87
CA ARG B 39 -18.66 18.79 17.28
C ARG B 39 -20.07 18.60 17.79
N GLN B 40 -21.08 18.83 16.94
CA GLN B 40 -22.47 18.66 17.36
C GLN B 40 -22.84 17.19 17.49
N ILE B 41 -22.46 16.36 16.51
CA ILE B 41 -22.87 14.96 16.58
C ILE B 41 -22.14 14.24 17.71
N LEU B 42 -20.93 14.68 18.04
CA LEU B 42 -20.17 14.04 19.11
C LEU B 42 -20.81 14.25 20.47
N ARG B 43 -21.67 15.26 20.62
CA ARG B 43 -22.28 15.55 21.91
C ARG B 43 -23.35 14.55 22.30
N HIS B 44 -23.90 13.81 21.36
CA HIS B 44 -25.00 12.91 21.66
C HIS B 44 -24.47 11.71 22.46
N PRO B 45 -25.06 11.40 23.61
CA PRO B 45 -24.51 10.31 24.44
C PRO B 45 -24.61 8.93 23.80
N GLU B 46 -25.45 8.74 22.78
CA GLU B 46 -25.49 7.46 22.08
C GLU B 46 -24.27 7.23 21.20
N VAL B 47 -23.53 8.28 20.84
CA VAL B 47 -22.26 8.11 20.17
C VAL B 47 -21.23 7.78 21.24
N GLY B 48 -20.55 6.64 21.09
CA GLY B 48 -19.62 6.27 22.13
C GLY B 48 -18.21 6.12 21.64
N GLY B 49 -18.02 6.29 20.34
CA GLY B 49 -16.71 6.06 19.78
C GLY B 49 -16.50 6.83 18.49
N LEU B 50 -15.23 7.07 18.20
CA LEU B 50 -14.80 7.64 16.94
C LEU B 50 -13.60 6.83 16.46
N ILE B 51 -13.60 6.47 15.18
CA ILE B 51 -12.45 5.80 14.60
C ILE B 51 -11.81 6.75 13.58
N ILE B 52 -10.48 6.78 13.56
CA ILE B 52 -9.80 7.60 12.56
C ILE B 52 -9.02 6.70 11.61
N PHE B 53 -8.87 7.17 10.38
CA PHE B 53 -8.19 6.49 9.30
C PHE B 53 -7.05 7.38 8.80
N ALA B 54 -6.29 6.86 7.82
CA ALA B 54 -5.16 7.59 7.27
C ALA B 54 -5.53 8.98 6.76
N ARG B 55 -6.78 9.16 6.31
CA ARG B 55 -7.23 10.47 5.84
C ARG B 55 -7.41 11.48 6.98
N ASN B 56 -7.47 11.03 8.23
CA ASN B 56 -7.56 11.97 9.34
C ASN B 56 -6.20 12.25 9.98
N ILE B 57 -5.13 11.68 9.45
CA ILE B 57 -3.87 11.67 10.16
C ILE B 57 -2.87 12.47 9.36
N GLU B 58 -2.08 13.28 10.04
CA GLU B 58 -1.03 14.02 9.36
C GLU B 58 0.33 13.92 10.04
N HIS B 59 0.40 13.60 11.33
CA HIS B 59 1.61 13.21 12.05
C HIS B 59 1.19 13.06 13.50
N PRO B 60 1.99 12.42 14.36
CA PRO B 60 1.51 12.18 15.73
C PRO B 60 1.07 13.42 16.48
N ALA B 61 1.81 14.54 16.33
CA ALA B 61 1.46 15.75 17.06
C ALA B 61 0.07 16.23 16.69
N GLN B 62 -0.28 16.16 15.40
CA GLN B 62 -1.61 16.57 14.98
C GLN B 62 -2.65 15.58 15.50
N VAL B 63 -2.33 14.30 15.53
CA VAL B 63 -3.26 13.31 16.11
C VAL B 63 -3.48 13.60 17.58
N ARG B 64 -2.40 13.82 18.34
CA ARG B 64 -2.56 14.13 19.76
C ARG B 64 -3.53 15.30 19.95
N GLU B 65 -3.36 16.35 19.16
CA GLU B 65 -4.18 17.53 19.35
C GLU B 65 -5.63 17.28 18.94
N LEU B 66 -5.86 16.55 17.85
CA LEU B 66 -7.22 16.20 17.48
C LEU B 66 -7.94 15.44 18.60
N CYS B 67 -7.26 14.49 19.23
CA CYS B 67 -7.88 13.73 20.30
C CYS B 67 -8.19 14.61 21.50
N ALA B 68 -7.25 15.46 21.88
CA ALA B 68 -7.50 16.44 22.93
C ALA B 68 -8.74 17.27 22.62
N ALA B 69 -8.84 17.78 21.40
CA ALA B 69 -10.02 18.56 21.03
C ALA B 69 -11.29 17.74 21.18
N ILE B 70 -11.24 16.48 20.78
CA ILE B 70 -12.41 15.61 20.94
C ILE B 70 -12.71 15.41 22.42
N ARG B 71 -11.69 15.10 23.22
CA ARG B 71 -11.96 14.81 24.63
C ARG B 71 -12.43 16.04 25.39
N ALA B 72 -12.22 17.24 24.84
CA ALA B 72 -12.78 18.41 25.50
C ALA B 72 -14.28 18.49 25.29
N ILE B 73 -14.78 17.88 24.22
CA ILE B 73 -16.22 17.75 24.03
C ILE B 73 -16.76 16.58 24.84
N ARG B 74 -16.11 15.42 24.71
CA ARG B 74 -16.58 14.18 25.31
C ARG B 74 -15.36 13.45 25.82
N PRO B 75 -14.99 13.63 27.09
CA PRO B 75 -13.84 12.88 27.61
C PRO B 75 -14.08 11.36 27.70
N ASP B 76 -15.33 10.91 27.59
CA ASP B 76 -15.63 9.47 27.70
C ASP B 76 -15.59 8.73 26.36
N LEU B 77 -15.34 9.42 25.24
CA LEU B 77 -15.34 8.74 23.95
C LEU B 77 -14.22 7.72 23.87
N LEU B 78 -14.52 6.57 23.26
CA LEU B 78 -13.49 5.64 22.85
C LEU B 78 -12.92 6.09 21.52
N LEU B 79 -11.62 6.35 21.48
CA LEU B 79 -10.97 6.79 20.26
C LEU B 79 -10.07 5.69 19.70
N ALA B 80 -10.30 5.34 18.42
CA ALA B 80 -9.60 4.23 17.78
C ALA B 80 -8.95 4.68 16.47
N VAL B 81 -7.82 4.07 16.17
CA VAL B 81 -7.16 4.25 14.88
C VAL B 81 -7.17 2.92 14.14
N ASP B 82 -7.62 2.94 12.89
CA ASP B 82 -7.56 1.78 12.03
C ASP B 82 -6.20 1.76 11.35
N GLN B 83 -5.39 0.77 11.66
CA GLN B 83 -4.08 0.62 11.04
C GLN B 83 -4.10 -0.29 9.81
N GLU B 84 -5.27 -0.76 9.39
CA GLU B 84 -5.32 -1.73 8.30
C GLU B 84 -4.95 -1.13 6.96
N GLY B 85 -4.98 0.20 6.83
CA GLY B 85 -4.72 0.82 5.55
C GLY B 85 -3.56 1.79 5.54
N GLY B 86 -2.57 1.53 4.69
CA GLY B 86 -1.50 2.47 4.46
C GLY B 86 -0.24 2.23 5.27
N ARG B 87 0.06 3.16 6.17
CA ARG B 87 1.30 3.23 6.95
C ARG B 87 2.51 3.60 6.08
N VAL B 88 2.30 3.93 4.81
CA VAL B 88 3.38 4.40 3.95
C VAL B 88 3.83 5.81 4.34
N GLN B 89 2.92 6.61 4.88
CA GLN B 89 3.14 8.04 5.06
C GLN B 89 3.72 8.42 6.44
N ARG B 90 3.41 9.64 6.92
CA ARG B 90 4.13 10.38 7.97
C ARG B 90 5.61 10.02 8.01
N LEU B 91 6.40 10.72 7.20
CA LEU B 91 7.81 10.35 7.07
C LEU B 91 8.63 10.87 8.23
N ARG B 92 8.55 12.17 8.53
CA ARG B 92 9.38 12.81 9.53
C ARG B 92 8.61 13.02 10.83
N GLN B 93 9.22 12.60 11.95
CA GLN B 93 8.54 12.53 13.24
C GLN B 93 7.26 11.70 13.16
N GLY B 94 7.24 10.72 12.26
CA GLY B 94 6.10 9.87 12.07
C GLY B 94 5.97 8.84 13.18
N PHE B 95 5.03 7.91 12.97
CA PHE B 95 4.82 6.85 13.92
C PHE B 95 5.95 5.82 13.86
N VAL B 96 6.02 4.99 14.90
CA VAL B 96 7.10 4.02 15.01
C VAL B 96 6.96 2.99 13.89
N ARG B 97 8.07 2.68 13.23
CA ARG B 97 8.11 1.61 12.26
C ARG B 97 8.38 0.30 12.99
N LEU B 98 7.44 -0.63 12.90
CA LEU B 98 7.55 -1.93 13.56
C LEU B 98 7.63 -3.04 12.52
N PRO B 99 8.33 -4.13 12.81
CA PRO B 99 8.47 -5.21 11.84
C PRO B 99 7.17 -5.99 11.65
N ALA B 100 7.07 -6.66 10.50
CA ALA B 100 5.95 -7.53 10.25
C ALA B 100 6.06 -8.79 11.10
N MET B 101 4.90 -9.39 11.43
CA MET B 101 4.90 -10.55 12.32
C MET B 101 5.67 -11.73 11.74
N ARG B 102 5.72 -11.84 10.43
CA ARG B 102 6.47 -12.96 9.88
C ARG B 102 7.97 -12.76 9.99
N ALA B 103 8.44 -11.51 10.02
CA ALA B 103 9.82 -11.26 10.40
C ALA B 103 10.05 -11.62 11.86
N ILE B 104 9.10 -11.26 12.74
CA ILE B 104 9.23 -11.55 14.17
C ILE B 104 9.29 -13.05 14.40
N ALA B 105 8.43 -13.81 13.71
CA ALA B 105 8.29 -15.24 13.98
C ALA B 105 9.58 -15.99 13.74
N ASP B 106 10.45 -15.47 12.87
CA ASP B 106 11.71 -16.14 12.59
C ASP B 106 12.80 -15.65 13.54
N ASN B 107 12.58 -15.88 14.83
CA ASN B 107 13.57 -15.54 15.84
C ASN B 107 13.48 -16.55 16.96
N PRO B 108 14.59 -16.81 17.66
CA PRO B 108 14.51 -17.69 18.84
C PRO B 108 13.69 -17.09 19.96
N ASN B 109 13.53 -15.77 20.01
CA ASN B 109 12.79 -15.13 21.07
C ASN B 109 11.63 -14.34 20.45
N ALA B 110 10.91 -15.00 19.54
CA ALA B 110 9.78 -14.38 18.86
C ALA B 110 8.71 -13.89 19.84
N GLU B 111 8.46 -14.62 20.92
CA GLU B 111 7.45 -14.19 21.88
C GLU B 111 7.84 -12.88 22.53
N GLU B 112 9.10 -12.76 22.95
CA GLU B 112 9.60 -11.49 23.47
C GLU B 112 9.40 -10.37 22.47
N LEU B 113 9.83 -10.58 21.22
CA LEU B 113 9.78 -9.51 20.23
C LEU B 113 8.35 -9.13 19.92
N ALA B 114 7.43 -10.10 19.88
CA ALA B 114 6.01 -9.80 19.65
C ALA B 114 5.45 -8.97 20.78
N GLU B 115 5.82 -9.30 22.04
CA GLU B 115 5.41 -8.49 23.18
C GLU B 115 5.94 -7.07 23.03
N HIS B 116 7.23 -6.93 22.65
CA HIS B 116 7.78 -5.58 22.45
C HIS B 116 7.00 -4.81 21.38
N CYS B 117 6.61 -5.48 20.29
CA CYS B 117 5.89 -4.74 19.25
C CYS B 117 4.51 -4.28 19.73
N GLY B 118 3.77 -5.16 20.42
CA GLY B 118 2.48 -4.75 20.96
C GLY B 118 2.61 -3.63 21.97
N TRP B 119 3.64 -3.70 22.82
CA TRP B 119 3.88 -2.64 23.78
C TRP B 119 4.22 -1.33 23.08
N LEU B 120 5.16 -1.35 22.13
CA LEU B 120 5.55 -0.12 21.46
C LEU B 120 4.38 0.52 20.74
N MET B 121 3.59 -0.28 20.04
CA MET B 121 2.47 0.25 19.30
C MET B 121 1.43 0.85 20.25
N ALA B 122 1.07 0.10 21.29
CA ALA B 122 0.06 0.62 22.21
C ALA B 122 0.58 1.82 23.00
N THR B 123 1.87 1.84 23.32
CA THR B 123 2.42 2.98 24.04
C THR B 123 2.35 4.26 23.20
N GLU B 124 2.67 4.17 21.90
CA GLU B 124 2.62 5.40 21.11
C GLU B 124 1.18 5.84 20.84
N VAL B 125 0.29 4.88 20.58
CA VAL B 125 -1.09 5.21 20.24
C VAL B 125 -1.76 5.96 21.38
N GLN B 126 -1.54 5.53 22.62
CA GLN B 126 -2.14 6.26 23.73
C GLN B 126 -1.36 7.51 24.12
N ALA B 127 -0.12 7.65 23.65
CA ALA B 127 0.62 8.90 23.83
C ALA B 127 0.05 9.99 22.93
N VAL B 128 -0.62 9.63 21.84
CA VAL B 128 -1.28 10.61 21.00
C VAL B 128 -2.78 10.71 21.33
N GLY B 129 -3.18 10.27 22.53
CA GLY B 129 -4.54 10.45 23.03
C GLY B 129 -5.57 9.47 22.52
N LEU B 130 -5.18 8.38 21.87
CA LEU B 130 -6.13 7.38 21.43
C LEU B 130 -6.26 6.25 22.46
N ASP B 131 -7.39 5.53 22.40
CA ASP B 131 -7.60 4.38 23.28
C ASP B 131 -7.16 3.06 22.68
N LEU B 132 -7.41 2.86 21.37
CA LEU B 132 -7.41 1.55 20.75
C LEU B 132 -6.76 1.64 19.39
N SER B 133 -6.01 0.60 19.04
CA SER B 133 -5.58 0.36 17.68
C SER B 133 -6.25 -0.90 17.15
N PHE B 134 -6.68 -0.87 15.92
CA PHE B 134 -7.11 -2.08 15.21
C PHE B 134 -5.91 -2.55 14.40
N ALA B 135 -5.22 -3.55 14.91
CA ALA B 135 -3.90 -3.92 14.41
C ALA B 135 -3.99 -5.13 13.50
N PRO B 136 -3.31 -5.09 12.35
CA PRO B 136 -3.41 -6.22 11.41
C PRO B 136 -2.88 -7.52 11.97
N VAL B 137 -1.96 -7.44 12.95
CA VAL B 137 -1.51 -8.64 13.67
C VAL B 137 -2.68 -9.43 14.21
N LEU B 138 -3.69 -8.73 14.75
CA LEU B 138 -4.85 -9.39 15.34
C LEU B 138 -5.98 -9.58 14.33
N ASP B 139 -5.70 -9.44 13.04
CA ASP B 139 -6.64 -9.90 12.02
C ASP B 139 -6.32 -11.37 11.80
N LEU B 140 -6.96 -12.23 12.60
CA LEU B 140 -6.50 -13.61 12.77
C LEU B 140 -6.80 -14.48 11.54
N ASP B 141 -7.74 -14.08 10.70
CA ASP B 141 -8.15 -14.92 9.58
C ASP B 141 -7.60 -14.42 8.26
N HIS B 142 -6.88 -13.31 8.26
CA HIS B 142 -6.18 -12.87 7.06
C HIS B 142 -4.68 -12.96 7.28
N GLN B 143 -4.18 -14.19 7.47
CA GLN B 143 -2.75 -14.49 7.61
C GLN B 143 -2.03 -13.64 8.63
N GLY B 155 3.85 -21.95 8.30
CA GLY B 155 2.42 -22.17 8.14
C GLY B 155 1.78 -22.92 9.30
N ASP B 156 2.27 -22.65 10.51
CA ASP B 156 1.78 -23.32 11.70
C ASP B 156 0.81 -22.41 12.43
N PRO B 157 -0.48 -22.76 12.52
CA PRO B 157 -1.45 -21.85 13.17
C PRO B 157 -1.38 -21.86 14.68
N GLU B 158 -0.78 -22.88 15.31
CA GLU B 158 -0.59 -22.83 16.75
C GLU B 158 0.46 -21.78 17.12
N ARG B 159 1.53 -21.67 16.33
CA ARG B 159 2.54 -20.66 16.59
C ARG B 159 2.01 -19.27 16.28
N ALA B 160 1.16 -19.16 15.27
CA ALA B 160 0.51 -17.89 14.97
C ALA B 160 -0.33 -17.42 16.15
N ALA B 161 -1.11 -18.33 16.74
CA ALA B 161 -1.90 -17.98 17.92
C ALA B 161 -0.99 -17.62 19.09
N LEU B 162 0.09 -18.38 19.27
CA LEU B 162 1.06 -18.08 20.33
C LEU B 162 1.66 -16.68 20.17
N LEU B 163 1.99 -16.29 18.93
CA LEU B 163 2.64 -15.00 18.73
C LEU B 163 1.65 -13.86 18.82
N ALA B 164 0.42 -14.04 18.33
CA ALA B 164 -0.62 -13.05 18.58
C ALA B 164 -0.90 -12.93 20.07
N GLY B 165 -0.82 -14.06 20.78
CA GLY B 165 -0.96 -14.02 22.22
C GLY B 165 0.07 -13.12 22.89
N ALA B 166 1.35 -13.29 22.51
CA ALA B 166 2.42 -12.44 23.04
C ALA B 166 2.22 -10.98 22.63
N PHE B 167 1.78 -10.73 21.40
CA PHE B 167 1.48 -9.36 20.99
C PHE B 167 0.46 -8.73 21.94
N ILE B 168 -0.61 -9.46 22.22
CA ILE B 168 -1.62 -8.96 23.14
C ILE B 168 -1.02 -8.72 24.52
N ARG B 169 -0.11 -9.58 24.97
CA ARG B 169 0.52 -9.36 26.27
C ARG B 169 1.16 -7.97 26.33
N GLY B 170 1.87 -7.57 25.27
CA GLY B 170 2.53 -6.27 25.28
C GLY B 170 1.56 -5.11 25.22
N MET B 171 0.51 -5.24 24.41
CA MET B 171 -0.58 -4.28 24.40
C MET B 171 -1.13 -4.05 25.80
N HIS B 172 -1.53 -5.13 26.49
CA HIS B 172 -2.10 -5.02 27.83
C HIS B 172 -1.10 -4.37 28.78
N ALA B 173 0.16 -4.80 28.72
CA ALA B 173 1.18 -4.22 29.61
C ALA B 173 1.30 -2.71 29.40
N ALA B 174 0.97 -2.23 28.21
CA ALA B 174 0.93 -0.80 27.94
C ALA B 174 -0.43 -0.20 28.28
N GLY B 175 -1.39 -0.99 28.77
CA GLY B 175 -2.67 -0.45 29.16
C GLY B 175 -3.71 -0.37 28.06
N MET B 176 -3.53 -1.05 26.92
CA MET B 176 -4.49 -0.92 25.84
C MET B 176 -5.23 -2.23 25.63
N ALA B 177 -6.56 -2.13 25.51
CA ALA B 177 -7.43 -3.25 25.17
C ALA B 177 -7.18 -3.73 23.74
N ALA B 178 -7.39 -5.03 23.52
CA ALA B 178 -7.01 -5.69 22.26
C ALA B 178 -8.25 -6.15 21.51
N THR B 179 -8.37 -5.73 20.24
CA THR B 179 -9.50 -6.07 19.37
C THR B 179 -9.07 -7.03 18.28
N GLY B 180 -9.76 -8.17 18.15
CA GLY B 180 -9.52 -9.09 17.07
C GLY B 180 -10.54 -8.99 15.93
N LYS B 181 -10.23 -9.65 14.81
CA LYS B 181 -11.12 -9.74 13.65
C LYS B 181 -10.56 -10.83 12.71
N HIS B 182 -11.30 -11.34 11.72
CA HIS B 182 -12.76 -11.21 11.53
C HIS B 182 -13.51 -12.50 11.95
N PHE B 183 -14.34 -12.43 13.00
CA PHE B 183 -15.05 -13.60 13.50
C PHE B 183 -16.23 -13.99 12.62
N PRO B 184 -16.40 -15.29 12.28
CA PRO B 184 -15.67 -16.51 12.64
C PRO B 184 -14.46 -16.80 11.74
N GLY B 185 -14.27 -16.02 10.68
CA GLY B 185 -13.12 -16.24 9.82
C GLY B 185 -13.48 -16.58 8.38
N HIS B 186 -12.77 -15.97 7.43
CA HIS B 186 -13.04 -16.23 6.02
C HIS B 186 -11.99 -15.62 5.10
N GLY B 187 -11.26 -16.44 4.36
CA GLY B 187 -10.32 -15.95 3.35
C GLY B 187 -10.89 -16.12 1.96
N TRP B 188 -10.75 -15.07 1.14
CA TRP B 188 -10.61 -15.19 -0.32
C TRP B 188 -11.85 -15.65 -1.07
N ALA B 189 -12.97 -14.95 -0.97
CA ALA B 189 -14.13 -15.37 -1.75
C ALA B 189 -14.91 -14.16 -2.24
N GLU B 190 -15.21 -14.17 -3.54
CA GLU B 190 -16.06 -13.18 -4.20
C GLU B 190 -15.54 -11.76 -4.03
N ALA B 196 -21.70 -8.57 -4.09
CA ALA B 196 -22.61 -8.62 -2.94
C ALA B 196 -21.82 -8.80 -1.64
N ILE B 197 -22.43 -9.42 -0.65
CA ILE B 197 -21.75 -9.81 0.58
C ILE B 197 -21.22 -11.23 0.40
N PRO B 198 -19.93 -11.46 0.55
CA PRO B 198 -19.38 -12.81 0.36
C PRO B 198 -20.13 -13.87 1.14
N GLU B 199 -20.25 -15.04 0.54
CA GLU B 199 -20.81 -16.22 1.19
C GLU B 199 -19.74 -17.29 1.35
N ASP B 200 -19.90 -18.13 2.36
CA ASP B 200 -18.98 -19.21 2.63
C ASP B 200 -19.85 -20.43 2.94
N ALA B 201 -19.63 -21.52 2.20
CA ALA B 201 -20.60 -22.61 2.12
C ALA B 201 -20.30 -23.75 3.10
N ARG B 202 -19.31 -23.60 3.98
CA ARG B 202 -18.91 -24.70 4.83
C ARG B 202 -19.91 -24.95 5.95
N SER B 203 -19.80 -26.14 6.54
CA SER B 203 -20.57 -26.52 7.71
C SER B 203 -19.98 -25.85 8.96
N LEU B 204 -20.81 -25.72 9.99
CA LEU B 204 -20.30 -25.25 11.28
C LEU B 204 -19.16 -26.14 11.74
N GLU B 205 -19.31 -27.45 11.58
CA GLU B 205 -18.28 -28.42 11.97
C GLU B 205 -16.98 -28.20 11.21
N GLU B 206 -17.07 -27.94 9.89
CA GLU B 206 -15.87 -27.66 9.12
C GLU B 206 -15.25 -26.30 9.50
N ILE B 207 -16.08 -25.34 9.92
CA ILE B 207 -15.57 -24.03 10.31
C ILE B 207 -14.92 -24.10 11.68
N ARG B 208 -15.59 -24.75 12.63
CA ARG B 208 -15.02 -25.01 13.95
C ARG B 208 -13.64 -25.66 13.85
N ARG B 209 -13.49 -26.63 12.96
CA ARG B 209 -12.22 -27.31 12.69
C ARG B 209 -11.14 -26.42 12.12
N SER B 210 -11.50 -25.29 11.51
CA SER B 210 -10.53 -24.51 10.76
C SER B 210 -10.50 -23.06 11.24
N ASP B 211 -11.31 -22.21 10.62
CA ASP B 211 -11.19 -20.78 10.86
C ASP B 211 -11.48 -20.42 12.30
N LEU B 212 -12.33 -21.19 12.97
CA LEU B 212 -12.71 -20.90 14.34
C LEU B 212 -11.55 -21.06 15.32
N VAL B 213 -10.50 -21.80 14.93
CA VAL B 213 -9.46 -22.18 15.89
C VAL B 213 -8.70 -21.00 16.48
N PRO B 214 -8.16 -20.06 15.69
CA PRO B 214 -7.48 -18.91 16.33
C PRO B 214 -8.39 -18.12 17.25
N PHE B 215 -9.69 -18.05 16.95
CA PHE B 215 -10.60 -17.29 17.81
C PHE B 215 -10.86 -18.02 19.13
N ALA B 216 -11.01 -19.35 19.09
CA ALA B 216 -11.17 -20.13 20.31
C ALA B 216 -9.94 -20.04 21.19
N ARG B 217 -8.75 -20.03 20.58
CA ARG B 217 -7.54 -20.02 21.37
C ARG B 217 -7.32 -18.69 22.08
N LEU B 218 -7.85 -17.59 21.53
CA LEU B 218 -7.58 -16.27 22.09
C LEU B 218 -8.82 -15.55 22.60
N ALA B 219 -9.98 -16.23 22.62
CA ALA B 219 -11.20 -15.59 23.13
C ALA B 219 -11.07 -15.15 24.58
N GLY B 220 -10.31 -15.91 25.38
CA GLY B 220 -10.04 -15.54 26.76
C GLY B 220 -9.02 -14.43 26.94
N GLN B 221 -8.38 -13.98 25.87
CA GLN B 221 -7.38 -12.90 25.94
C GLN B 221 -7.81 -11.61 25.25
N LEU B 222 -8.53 -11.71 24.14
CA LEU B 222 -9.01 -10.52 23.44
C LEU B 222 -10.04 -9.78 24.27
N ASP B 223 -10.04 -8.44 24.18
CA ASP B 223 -11.09 -7.68 24.86
C ASP B 223 -12.27 -7.35 23.97
N ALA B 224 -12.10 -7.49 22.66
CA ALA B 224 -13.15 -7.14 21.71
C ALA B 224 -12.93 -7.94 20.45
N LEU B 225 -14.02 -8.15 19.72
CA LEU B 225 -13.98 -8.83 18.43
C LEU B 225 -14.88 -8.11 17.45
N MET B 226 -14.51 -8.16 16.21
CA MET B 226 -15.24 -7.67 15.06
C MET B 226 -15.65 -8.83 14.16
N PRO B 227 -16.89 -8.87 13.68
CA PRO B 227 -17.32 -10.01 12.87
C PRO B 227 -16.89 -9.89 11.42
N ALA B 228 -16.80 -11.04 10.77
CA ALA B 228 -16.58 -11.06 9.34
C ALA B 228 -17.83 -10.55 8.60
N HIS B 229 -17.59 -9.83 7.50
CA HIS B 229 -18.67 -9.40 6.62
C HIS B 229 -18.93 -10.51 5.61
N VAL B 230 -19.47 -11.62 6.13
CA VAL B 230 -19.63 -12.86 5.38
C VAL B 230 -20.92 -13.53 5.86
N ILE B 231 -21.55 -14.29 4.97
CA ILE B 231 -22.72 -15.09 5.30
C ILE B 231 -22.33 -16.56 5.20
N TYR B 232 -22.76 -17.35 6.18
CA TYR B 232 -22.48 -18.78 6.23
C TYR B 232 -23.82 -19.50 6.18
N PRO B 233 -24.39 -19.66 4.98
CA PRO B 233 -25.78 -20.14 4.87
C PRO B 233 -26.09 -21.44 5.59
N GLN B 234 -25.13 -22.36 5.72
CA GLN B 234 -25.43 -23.60 6.43
C GLN B 234 -25.64 -23.36 7.92
N VAL B 235 -25.07 -22.31 8.47
CA VAL B 235 -25.30 -21.93 9.85
C VAL B 235 -26.43 -20.91 9.96
N ASP B 236 -26.39 -19.83 9.16
CA ASP B 236 -27.36 -18.76 9.31
C ASP B 236 -27.36 -17.87 8.06
N PRO B 237 -28.52 -17.66 7.46
CA PRO B 237 -28.58 -16.86 6.22
C PRO B 237 -28.30 -15.38 6.45
N GLN B 238 -27.93 -15.01 7.66
CA GLN B 238 -27.57 -13.65 8.00
C GLN B 238 -26.06 -13.50 8.08
N PRO B 239 -25.50 -12.35 7.68
CA PRO B 239 -24.08 -12.09 7.95
C PRO B 239 -23.76 -12.28 9.42
N ALA B 240 -22.53 -12.72 9.68
CA ALA B 240 -22.15 -13.11 11.03
C ALA B 240 -22.48 -12.03 12.06
N GLY B 241 -22.25 -10.76 11.71
CA GLY B 241 -22.46 -9.69 12.67
C GLY B 241 -23.91 -9.39 13.00
N PHE B 242 -24.84 -10.14 12.44
CA PHE B 242 -26.27 -9.97 12.69
C PHE B 242 -26.92 -11.26 13.16
N SER B 243 -26.13 -12.28 13.47
CA SER B 243 -26.61 -13.61 13.77
C SER B 243 -26.49 -13.87 15.27
N ARG B 244 -27.62 -14.16 15.92
CA ARG B 244 -27.56 -14.65 17.30
C ARG B 244 -26.82 -15.97 17.38
N ARG B 245 -26.92 -16.80 16.34
CA ARG B 245 -26.20 -18.06 16.36
C ARG B 245 -24.69 -17.84 16.43
N TRP B 246 -24.16 -16.93 15.62
CA TRP B 246 -22.73 -16.66 15.69
C TRP B 246 -22.35 -15.93 16.97
N LEU B 247 -23.10 -14.90 17.38
CA LEU B 247 -22.67 -14.02 18.47
C LEU B 247 -22.99 -14.62 19.83
N GLN B 248 -24.19 -15.19 20.01
CA GLN B 248 -24.61 -15.74 21.30
C GLN B 248 -24.25 -17.21 21.44
N GLU B 249 -24.74 -18.04 20.52
CA GLU B 249 -24.54 -19.48 20.62
C GLU B 249 -23.07 -19.85 20.50
N ILE B 250 -22.38 -19.34 19.48
CA ILE B 250 -20.99 -19.74 19.24
C ILE B 250 -20.02 -18.86 20.04
N LEU B 251 -20.07 -17.52 19.84
CA LEU B 251 -19.03 -16.67 20.40
C LEU B 251 -19.17 -16.51 21.92
N ARG B 252 -20.32 -16.01 22.39
CA ARG B 252 -20.43 -15.88 23.85
C ARG B 252 -20.67 -17.25 24.50
N GLY B 253 -21.35 -18.16 23.82
CA GLY B 253 -21.63 -19.45 24.42
C GLY B 253 -20.48 -20.43 24.34
N GLU B 254 -20.30 -21.03 23.15
CA GLU B 254 -19.30 -22.08 22.99
C GLU B 254 -17.89 -21.60 23.33
N LEU B 255 -17.54 -20.37 22.95
CA LEU B 255 -16.20 -19.83 23.19
C LEU B 255 -16.08 -18.99 24.45
N LYS B 256 -17.20 -18.74 25.15
CA LYS B 256 -17.20 -18.12 26.48
C LYS B 256 -16.65 -16.70 26.43
N PHE B 257 -16.92 -15.98 25.35
CA PHE B 257 -16.34 -14.65 25.15
C PHE B 257 -17.17 -13.59 25.84
N ASP B 258 -16.55 -12.83 26.74
CA ASP B 258 -17.24 -11.84 27.55
C ASP B 258 -16.94 -10.41 27.12
N GLY B 259 -16.15 -10.23 26.08
CA GLY B 259 -15.70 -8.91 25.67
C GLY B 259 -16.69 -8.23 24.75
N VAL B 260 -16.23 -7.10 24.21
CA VAL B 260 -17.04 -6.21 23.38
C VAL B 260 -17.16 -6.78 21.98
N ILE B 261 -18.38 -6.78 21.45
CA ILE B 261 -18.62 -7.14 20.05
C ILE B 261 -18.88 -5.84 19.28
N PHE B 262 -17.95 -5.48 18.40
CA PHE B 262 -18.26 -4.45 17.41
C PHE B 262 -19.11 -5.06 16.29
N SER B 263 -19.94 -4.22 15.66
CA SER B 263 -20.64 -4.68 14.47
C SER B 263 -19.69 -4.67 13.28
N ASP B 264 -20.16 -5.18 12.15
CA ASP B 264 -19.41 -4.83 10.95
C ASP B 264 -19.85 -3.43 10.50
N ASP B 265 -19.19 -2.91 9.46
CA ASP B 265 -19.46 -1.55 9.03
C ASP B 265 -20.88 -1.46 8.48
N LEU B 266 -21.71 -0.66 9.14
CA LEU B 266 -23.14 -0.66 8.88
C LEU B 266 -23.55 0.24 7.72
N SER B 267 -22.65 1.06 7.19
CA SER B 267 -23.03 1.88 6.04
C SER B 267 -23.12 1.07 4.75
N MET B 268 -22.52 -0.12 4.71
CA MET B 268 -22.63 -0.99 3.55
C MET B 268 -24.04 -1.55 3.38
N HIS B 272 -26.28 -1.92 -1.61
CA HIS B 272 -27.15 -2.57 -0.63
C HIS B 272 -28.60 -2.17 -0.86
N VAL B 273 -29.38 -3.09 -1.44
CA VAL B 273 -30.72 -2.74 -1.91
C VAL B 273 -31.66 -2.48 -0.74
N VAL B 274 -31.73 -3.39 0.22
CA VAL B 274 -32.78 -3.40 1.22
C VAL B 274 -32.29 -2.73 2.50
N GLY B 275 -33.14 -1.90 3.10
CA GLY B 275 -32.89 -1.30 4.40
C GLY B 275 -31.73 -0.34 4.46
N ASP B 276 -31.58 0.35 5.59
CA ASP B 276 -30.50 1.32 5.76
C ASP B 276 -29.77 1.10 7.07
N ALA B 277 -28.90 2.06 7.42
CA ALA B 277 -28.09 1.91 8.61
C ALA B 277 -28.95 1.90 9.87
N ALA B 278 -30.10 2.58 9.84
CA ALA B 278 -30.96 2.61 11.02
C ALA B 278 -31.58 1.24 11.29
N SER B 279 -32.01 0.53 10.25
CA SER B 279 -32.48 -0.82 10.49
C SER B 279 -31.32 -1.77 10.81
N ARG B 280 -30.15 -1.57 10.16
CA ARG B 280 -29.04 -2.48 10.41
C ARG B 280 -28.46 -2.31 11.81
N ILE B 281 -28.43 -1.10 12.37
CA ILE B 281 -27.88 -1.03 13.73
C ILE B 281 -28.86 -1.63 14.71
N GLU B 282 -30.15 -1.56 14.41
CA GLU B 282 -31.12 -2.23 15.26
C GLU B 282 -30.90 -3.73 15.24
N ALA B 283 -30.76 -4.32 14.03
CA ALA B 283 -30.52 -5.75 13.91
C ALA B 283 -29.20 -6.16 14.56
N ALA B 284 -28.17 -5.33 14.46
CA ALA B 284 -26.88 -5.64 15.08
C ALA B 284 -27.00 -5.76 16.60
N LEU B 285 -27.64 -4.78 17.24
CA LEU B 285 -27.81 -4.82 18.69
C LEU B 285 -28.67 -6.01 19.11
N ALA B 286 -29.70 -6.35 18.33
CA ALA B 286 -30.55 -7.49 18.67
C ALA B 286 -29.76 -8.78 18.66
N ALA B 287 -28.81 -8.90 17.73
CA ALA B 287 -27.96 -10.07 17.64
C ALA B 287 -26.95 -10.16 18.78
N GLY B 288 -26.62 -9.03 19.40
CA GLY B 288 -25.65 -9.03 20.48
C GLY B 288 -24.46 -8.10 20.31
N CYS B 289 -24.36 -7.29 19.26
CA CYS B 289 -23.27 -6.34 19.14
C CYS B 289 -23.38 -5.30 20.24
N ASP B 290 -22.23 -4.87 20.79
CA ASP B 290 -22.29 -3.80 21.76
C ASP B 290 -22.28 -2.43 21.11
N MET B 291 -21.57 -2.29 20.01
CA MET B 291 -21.30 -0.99 19.42
C MET B 291 -21.34 -1.15 17.92
N GLY B 292 -22.11 -0.29 17.26
CA GLY B 292 -22.23 -0.32 15.81
C GLY B 292 -21.25 0.66 15.19
N LEU B 293 -20.66 0.26 14.07
CA LEU B 293 -19.73 1.08 13.33
C LEU B 293 -20.44 1.59 12.08
N VAL B 294 -20.31 2.88 11.81
CA VAL B 294 -20.76 3.44 10.55
C VAL B 294 -19.61 4.30 10.03
N CYS B 295 -18.94 3.83 8.99
CA CYS B 295 -17.73 4.46 8.48
C CYS B 295 -18.01 5.07 7.11
N ASN B 296 -17.34 6.20 6.84
CA ASN B 296 -17.27 6.81 5.52
C ASN B 296 -18.64 7.18 4.96
N ASP B 297 -19.60 7.44 5.83
CA ASP B 297 -20.97 7.76 5.38
C ASP B 297 -21.68 8.50 6.53
N ARG B 298 -21.54 9.83 6.53
CA ARG B 298 -22.07 10.64 7.62
C ARG B 298 -23.59 10.65 7.65
N ALA B 299 -24.26 10.61 6.48
CA ALA B 299 -25.71 10.57 6.49
C ALA B 299 -26.23 9.30 7.14
N SER B 300 -25.56 8.16 6.87
CA SER B 300 -25.94 6.91 7.53
C SER B 300 -25.64 6.94 9.02
N ALA B 301 -24.54 7.57 9.42
CA ALA B 301 -24.27 7.71 10.84
C ALA B 301 -25.37 8.52 11.51
N GLU B 302 -25.77 9.64 10.89
CA GLU B 302 -26.93 10.38 11.40
C GLU B 302 -28.17 9.50 11.46
N LEU B 303 -28.33 8.56 10.51
CA LEU B 303 -29.49 7.69 10.52
C LEU B 303 -29.38 6.62 11.60
N ALA B 304 -28.19 6.04 11.79
CA ALA B 304 -27.98 5.12 12.89
C ALA B 304 -28.24 5.81 14.22
N LEU B 305 -27.74 7.04 14.36
CA LEU B 305 -27.91 7.79 15.60
C LEU B 305 -29.38 8.00 15.94
N ALA B 306 -30.19 8.39 14.94
CA ALA B 306 -31.59 8.67 15.21
C ALA B 306 -32.31 7.40 15.67
N ALA B 307 -31.94 6.26 15.11
CA ALA B 307 -32.46 4.97 15.56
C ALA B 307 -32.10 4.70 17.02
N LEU B 308 -30.84 4.91 17.40
CA LEU B 308 -30.45 4.68 18.79
C LEU B 308 -31.22 5.58 19.73
N GLN B 309 -31.47 6.83 19.31
CA GLN B 309 -32.22 7.76 20.15
C GLN B 309 -33.65 7.30 20.34
N ARG B 310 -34.28 6.85 19.25
CA ARG B 310 -35.65 6.36 19.32
C ARG B 310 -35.75 5.09 20.15
N LEU B 311 -34.70 4.26 20.15
CA LEU B 311 -34.62 3.10 21.04
C LEU B 311 -34.22 3.46 22.46
N LYS B 312 -33.82 4.71 22.71
CA LYS B 312 -33.40 5.18 24.04
C LYS B 312 -32.32 4.29 24.64
N VAL B 313 -31.31 3.95 23.83
CA VAL B 313 -30.23 3.09 24.32
C VAL B 313 -29.45 3.81 25.41
N THR B 314 -28.85 3.02 26.30
CA THR B 314 -27.81 3.46 27.21
C THR B 314 -26.55 2.64 26.92
N PRO B 315 -25.38 3.15 27.27
CA PRO B 315 -24.12 2.45 26.92
C PRO B 315 -24.10 1.05 27.48
N PRO B 316 -23.60 0.08 26.73
CA PRO B 316 -23.44 -1.27 27.29
C PRO B 316 -22.47 -1.26 28.47
N SER B 317 -22.80 -2.05 29.49
CA SER B 317 -22.01 -2.04 30.72
C SER B 317 -20.55 -2.39 30.46
N ARG B 318 -20.26 -3.21 29.45
CA ARG B 318 -18.88 -3.64 29.21
C ARG B 318 -18.07 -2.67 28.35
N LEU B 319 -18.69 -1.62 27.82
CA LEU B 319 -18.03 -0.81 26.80
C LEU B 319 -16.79 -0.11 27.35
N GLN B 320 -16.81 0.32 28.61
CA GLN B 320 -15.63 1.03 29.11
C GLN B 320 -14.46 0.11 29.45
N ARG B 321 -14.56 -1.20 29.23
CA ARG B 321 -13.36 -2.05 29.19
C ARG B 321 -12.41 -1.65 28.08
N MET B 322 -12.89 -0.99 27.04
CA MET B 322 -12.02 -0.59 25.94
C MET B 322 -11.22 0.66 26.25
N ARG B 323 -11.45 1.31 27.39
CA ARG B 323 -10.78 2.56 27.70
CA ARG B 323 -10.78 2.56 27.70
C ARG B 323 -9.30 2.30 27.97
N GLY B 324 -8.44 3.13 27.37
CA GLY B 324 -7.00 2.94 27.53
C GLY B 324 -6.52 3.39 28.89
N LYS B 325 -5.64 2.60 29.48
CA LYS B 325 -5.10 3.01 30.77
C LYS B 325 -3.90 3.94 30.65
N GLY B 326 -3.33 4.12 29.46
CA GLY B 326 -2.31 5.11 29.22
C GLY B 326 -2.89 6.52 29.12
N TYR B 327 -2.04 7.46 28.72
CA TYR B 327 -2.45 8.85 28.62
C TYR B 327 -1.54 9.62 27.67
N ALA B 328 -2.07 10.71 27.12
CA ALA B 328 -1.35 11.53 26.15
C ALA B 328 -0.12 12.16 26.80
N ASN B 329 1.01 12.10 26.09
CA ASN B 329 2.26 12.69 26.54
C ASN B 329 3.20 12.86 25.34
N THR B 330 4.17 13.76 25.49
CA THR B 330 5.12 14.02 24.42
C THR B 330 6.49 13.39 24.63
N ASP B 331 6.79 12.78 25.78
CA ASP B 331 8.12 12.28 26.08
C ASP B 331 8.23 10.75 26.07
N TYR B 332 7.22 10.05 25.56
CA TYR B 332 7.26 8.58 25.61
C TYR B 332 8.46 7.99 24.90
N ARG B 333 8.98 8.65 23.85
CA ARG B 333 10.11 8.06 23.13
C ARG B 333 11.40 8.12 23.92
N GLN B 334 11.50 8.96 24.96
CA GLN B 334 12.71 9.08 25.76
C GLN B 334 12.69 8.22 27.01
N GLN B 335 11.67 7.40 27.20
CA GLN B 335 11.60 6.63 28.44
C GLN B 335 12.49 5.38 28.35
N PRO B 336 12.90 4.84 29.50
CA PRO B 336 13.69 3.58 29.47
C PRO B 336 13.00 2.41 28.77
N ARG B 337 11.72 2.10 29.10
CA ARG B 337 11.04 0.96 28.51
C ARG B 337 10.97 1.07 26.99
N TRP B 338 10.79 2.29 26.49
CA TRP B 338 10.73 2.51 25.06
C TRP B 338 12.06 2.18 24.39
N LEU B 339 13.16 2.72 24.96
CA LEU B 339 14.48 2.47 24.40
C LEU B 339 14.83 1.00 24.49
N GLU B 340 14.50 0.36 25.60
CA GLU B 340 14.81 -1.07 25.75
C GLU B 340 14.04 -1.89 24.74
N ALA B 341 12.81 -1.49 24.44
CA ALA B 341 12.03 -2.26 23.49
C ALA B 341 12.65 -2.20 22.11
N LEU B 342 13.06 -1.00 21.68
CA LEU B 342 13.72 -0.85 20.40
C LEU B 342 15.07 -1.56 20.38
N SER B 343 15.84 -1.42 21.47
CA SER B 343 17.10 -2.13 21.59
C SER B 343 16.95 -3.62 21.31
N ALA B 344 15.84 -4.23 21.77
CA ALA B 344 15.67 -5.67 21.55
C ALA B 344 15.35 -5.96 20.09
N LEU B 345 14.46 -5.16 19.49
CA LEU B 345 14.18 -5.31 18.07
C LEU B 345 15.44 -5.12 17.24
N ARG B 346 16.27 -4.15 17.63
CA ARG B 346 17.52 -3.93 16.91
C ARG B 346 18.47 -5.10 17.09
N ALA B 347 18.57 -5.67 18.29
CA ALA B 347 19.51 -6.77 18.49
C ALA B 347 19.06 -8.04 17.78
N ALA B 348 17.79 -8.13 17.41
CA ALA B 348 17.33 -9.23 16.59
C ALA B 348 17.38 -8.90 15.10
N GLN B 349 17.97 -7.76 14.73
CA GLN B 349 18.14 -7.34 13.35
C GLN B 349 16.80 -7.08 12.66
N LEU B 350 15.84 -6.50 13.40
CA LEU B 350 14.52 -6.26 12.82
C LEU B 350 14.29 -4.79 12.45
N ILE B 351 15.07 -3.87 13.00
CA ILE B 351 14.90 -2.45 12.75
C ILE B 351 16.27 -1.81 12.57
N ASP B 352 16.26 -0.61 11.96
CA ASP B 352 17.43 0.24 11.70
C ASP B 352 18.17 -0.17 10.43
ZN ZN C . -0.02 7.29 -15.51
C1 PEG D . 30.50 -11.03 -22.56
O1 PEG D . 29.84 -9.90 -23.07
C2 PEG D . 29.44 -12.12 -22.33
O2 PEG D . 29.98 -13.11 -21.50
C3 PEG D . 29.47 -13.12 -20.19
C4 PEG D . 28.92 -14.52 -19.90
O4 PEG D . 29.92 -15.32 -19.32
ZN ZN E . -9.75 -10.89 8.69
#